data_5H18
#
_entry.id   5H18
#
_cell.length_a   45.470
_cell.length_b   47.240
_cell.length_c   129.780
_cell.angle_alpha   90.00
_cell.angle_beta   90.00
_cell.angle_gamma   90.00
#
_symmetry.space_group_name_H-M   'P 21 21 21'
#
loop_
_entity.id
_entity.type
_entity.pdbx_description
1 polymer UGGT
2 non-polymer "URIDINE-5'-DIPHOSPHATE-GLUCOSE"
3 non-polymer 'CALCIUM ION'
4 non-polymer GLYCEROL
5 water water
#
_entity_poly.entity_id   1
_entity_poly.type   'polypeptide(L)'
_entity_poly.pdbx_seq_one_letter_code
;GSADINIFSVASGHLYER(MSE)LNI(MSE)(MSE)VSV(MSE)KHTKHSVKFWFIEQFLSPSFKKFLPHLAKEYGFSYE
(MSE)VTYKWPHWLRGQREKQREIWGYKILFLDVLFPLSLDKVIFVDADQIVRTD(MSE)YDLVQLDLEGAPYGFTP
(MSE)CDSRKE(MSE)EGFRFWKQGYWKSHLRGRPYHISALYVVDLNRFRALAAGDRLRGQYHTLSADPNSLANLDQDLP
NN(MSE)QA(MSE)IPIKSLPQEWLWCETWCADEDLKTARTIDLCNNPLTKEPKLDRARRQVPEWTEYDNEIAELAVRVR
AASKQSRREEDEKKDV
;
_entity_poly.pdbx_strand_id   A
#
loop_
_chem_comp.id
_chem_comp.type
_chem_comp.name
_chem_comp.formula
CA non-polymer 'CALCIUM ION' 'Ca 2'
GOL non-polymer GLYCEROL 'C3 H8 O3'
UPG non-polymer URIDINE-5'-DIPHOSPHATE-GLUCOSE 'C15 H24 N2 O17 P2'
#
# COMPACT_ATOMS: atom_id res chain seq x y z
N ALA A 3 7.31 -3.91 -16.96
CA ALA A 3 8.28 -3.08 -16.20
C ALA A 3 8.94 -3.91 -15.10
N ASP A 4 10.14 -3.51 -14.69
CA ASP A 4 10.86 -4.17 -13.58
C ASP A 4 10.07 -4.12 -12.26
N ILE A 5 9.51 -2.95 -11.99
CA ILE A 5 8.81 -2.64 -10.75
C ILE A 5 7.37 -2.27 -11.13
N ASN A 6 6.40 -2.89 -10.47
CA ASN A 6 4.97 -2.66 -10.71
C ASN A 6 4.32 -2.35 -9.37
N ILE A 7 3.78 -1.13 -9.24
CA ILE A 7 3.21 -0.65 -7.98
C ILE A 7 1.76 -0.27 -8.21
N PHE A 8 0.90 -0.71 -7.30
CA PHE A 8 -0.52 -0.44 -7.27
C PHE A 8 -0.84 0.43 -6.09
N SER A 9 -1.72 1.42 -6.30
CA SER A 9 -2.24 2.18 -5.19
CA SER A 9 -2.22 2.27 -5.23
C SER A 9 -3.69 2.51 -5.48
N VAL A 10 -4.45 2.71 -4.40
CA VAL A 10 -5.86 3.10 -4.51
C VAL A 10 -6.23 3.86 -3.23
N ALA A 11 -6.98 4.93 -3.43
CA ALA A 11 -7.37 5.86 -2.38
C ALA A 11 -8.41 6.81 -2.95
N SER A 12 -8.97 7.65 -2.08
CA SER A 12 -9.91 8.70 -2.47
CA SER A 12 -9.88 8.70 -2.50
C SER A 12 -9.52 10.01 -1.82
N GLY A 13 -9.80 11.10 -2.50
CA GLY A 13 -9.74 12.41 -1.90
C GLY A 13 -8.59 13.26 -2.40
N HIS A 14 -8.75 14.55 -2.16
CA HIS A 14 -7.81 15.55 -2.67
C HIS A 14 -6.44 15.44 -2.04
N LEU A 15 -6.37 15.37 -0.72
CA LEU A 15 -5.08 15.27 -0.06
C LEU A 15 -4.39 13.96 -0.47
N TYR A 16 -5.13 12.87 -0.51
CA TYR A 16 -4.52 11.59 -0.90
C TYR A 16 -4.02 11.60 -2.33
N GLU A 17 -4.65 12.33 -3.26
CA GLU A 17 -4.13 12.48 -4.62
C GLU A 17 -2.83 13.30 -4.63
N ARG A 18 -2.77 14.34 -3.82
CA ARG A 18 -1.57 15.14 -3.67
C ARG A 18 -0.42 14.27 -3.14
N MSE A 19 -0.71 13.44 -2.14
CA MSE A 19 0.29 12.54 -1.57
CA MSE A 19 0.29 12.53 -1.58
C MSE A 19 0.66 11.43 -2.55
O MSE A 19 1.83 11.04 -2.61
CB MSE A 19 -0.21 11.98 -0.25
CB MSE A 19 -0.22 11.96 -0.25
CG MSE A 19 -0.25 13.08 0.80
CG MSE A 19 -0.23 13.06 0.80
SE MSE A 19 -0.73 12.41 2.56
SE MSE A 19 -0.84 12.43 2.55
CE MSE A 19 -2.43 11.62 2.21
CE MSE A 19 0.08 13.89 3.48
N LEU A 20 -0.29 10.96 -3.35
CA LEU A 20 -0.01 9.90 -4.32
C LEU A 20 1.07 10.36 -5.32
N ASN A 21 0.97 11.60 -5.79
CA ASN A 21 2.00 12.12 -6.68
C ASN A 21 3.36 12.13 -6.01
N ILE A 22 3.40 12.51 -4.74
CA ILE A 22 4.65 12.52 -3.96
C ILE A 22 5.18 11.09 -3.79
N MSE A 23 4.31 10.13 -3.53
CA MSE A 23 4.74 8.73 -3.40
C MSE A 23 5.43 8.29 -4.68
O MSE A 23 6.54 7.70 -4.65
CB MSE A 23 3.56 7.81 -3.06
CG MSE A 23 3.98 6.35 -2.84
SE MSE A 23 4.13 5.31 -4.50
CE MSE A 23 2.24 4.93 -4.63
N MSE A 24 4.83 8.59 -5.82
CA MSE A 24 5.38 8.16 -7.10
CA MSE A 24 5.38 8.15 -7.10
C MSE A 24 6.74 8.77 -7.35
O MSE A 24 7.70 8.08 -7.76
CB MSE A 24 4.46 8.51 -8.29
CB MSE A 24 4.39 8.48 -8.22
CG MSE A 24 3.15 7.72 -8.32
CG MSE A 24 3.06 7.73 -8.06
SE MSE A 24 2.21 8.00 -10.04
SE MSE A 24 1.55 8.67 -8.91
CE MSE A 24 0.87 9.24 -9.35
CE MSE A 24 2.13 8.02 -10.67
N VAL A 25 6.85 10.06 -7.12
CA VAL A 25 8.14 10.76 -7.30
C VAL A 25 9.19 10.15 -6.40
N SER A 26 8.82 9.83 -5.16
CA SER A 26 9.78 9.27 -4.22
C SER A 26 10.32 7.91 -4.68
N VAL A 27 9.49 7.13 -5.34
CA VAL A 27 9.92 5.87 -5.90
C VAL A 27 10.97 6.16 -7.00
N MSE A 28 10.67 7.09 -7.89
CA MSE A 28 11.54 7.34 -9.05
C MSE A 28 12.89 7.90 -8.63
O MSE A 28 13.88 7.65 -9.30
CB MSE A 28 10.87 8.31 -10.05
CG MSE A 28 9.52 7.84 -10.60
SE MSE A 28 9.35 5.94 -11.02
CE MSE A 28 10.63 5.98 -12.47
N LYS A 29 12.94 8.64 -7.54
CA LYS A 29 14.18 9.22 -7.07
C LYS A 29 15.14 8.19 -6.47
N HIS A 30 14.67 6.98 -6.24
CA HIS A 30 15.47 5.94 -5.61
C HIS A 30 15.69 4.66 -6.42
N THR A 31 15.33 4.69 -7.70
CA THR A 31 15.60 3.55 -8.58
C THR A 31 16.00 4.02 -9.97
N LYS A 32 16.74 3.17 -10.68
CA LYS A 32 16.95 3.31 -12.12
C LYS A 32 16.28 2.21 -12.93
N HIS A 33 15.57 1.32 -12.25
CA HIS A 33 14.84 0.29 -12.92
C HIS A 33 13.55 0.86 -13.47
N SER A 34 12.93 0.17 -14.43
CA SER A 34 11.68 0.65 -15.02
C SER A 34 10.52 0.44 -14.03
N VAL A 35 9.55 1.37 -14.08
CA VAL A 35 8.46 1.39 -13.11
C VAL A 35 7.15 1.64 -13.86
N LYS A 36 6.16 0.81 -13.53
CA LYS A 36 4.78 0.99 -13.98
C LYS A 36 3.87 1.10 -12.75
N PHE A 37 3.06 2.16 -12.74
CA PHE A 37 2.04 2.34 -11.71
C PHE A 37 0.68 1.88 -12.19
N TRP A 38 -0.08 1.21 -11.33
CA TRP A 38 -1.40 0.67 -11.66
C TRP A 38 -2.42 1.30 -10.74
N PHE A 39 -3.44 1.89 -11.33
CA PHE A 39 -4.50 2.56 -10.60
C PHE A 39 -5.84 2.03 -11.03
N ILE A 40 -6.84 2.32 -10.24
CA ILE A 40 -8.22 1.98 -10.62
C ILE A 40 -8.89 3.26 -11.11
N GLU A 41 -9.33 3.25 -12.36
CA GLU A 41 -9.77 4.45 -13.06
C GLU A 41 -10.83 5.25 -12.29
N GLN A 42 -11.81 4.55 -11.74
CA GLN A 42 -12.94 5.24 -11.10
C GLN A 42 -12.58 5.92 -9.80
N PHE A 43 -11.40 5.62 -9.22
CA PHE A 43 -10.95 6.21 -7.96
C PHE A 43 -9.88 7.29 -8.15
N LEU A 44 -9.81 7.86 -9.34
CA LEU A 44 -8.94 9.02 -9.57
C LEU A 44 -9.82 10.16 -10.14
N SER A 45 -9.61 11.38 -9.65
CA SER A 45 -10.41 12.53 -10.09
C SER A 45 -10.06 12.88 -11.52
N PRO A 46 -10.96 13.56 -12.25
CA PRO A 46 -10.61 14.01 -13.59
C PRO A 46 -9.33 14.82 -13.64
N SER A 47 -9.10 15.70 -12.69
CA SER A 47 -7.89 16.53 -12.68
C SER A 47 -6.64 15.67 -12.54
N PHE A 48 -6.70 14.66 -11.67
CA PHE A 48 -5.57 13.77 -11.49
C PHE A 48 -5.28 13.01 -12.79
N LYS A 49 -6.31 12.48 -13.43
CA LYS A 49 -6.14 11.69 -14.64
C LYS A 49 -5.60 12.55 -15.80
N LYS A 50 -5.97 13.83 -15.85
CA LYS A 50 -5.44 14.73 -16.86
C LYS A 50 -3.96 15.05 -16.61
N PHE A 51 -3.55 15.14 -15.35
CA PHE A 51 -2.16 15.46 -14.99
C PHE A 51 -1.23 14.27 -15.14
N LEU A 52 -1.75 13.09 -14.88
CA LEU A 52 -0.93 11.87 -14.86
C LEU A 52 0.01 11.67 -16.06
N PRO A 53 -0.45 11.88 -17.31
CA PRO A 53 0.51 11.70 -18.41
C PRO A 53 1.68 12.67 -18.36
N HIS A 54 1.43 13.89 -17.90
CA HIS A 54 2.50 14.85 -17.71
C HIS A 54 3.49 14.43 -16.60
N LEU A 55 2.98 13.93 -15.48
CA LEU A 55 3.82 13.44 -14.42
C LEU A 55 4.66 12.25 -14.92
N ALA A 56 4.04 11.35 -15.68
CA ALA A 56 4.71 10.16 -16.21
C ALA A 56 5.87 10.54 -17.14
N LYS A 57 5.64 11.50 -18.02
CA LYS A 57 6.69 11.96 -18.94
C LYS A 57 7.85 12.62 -18.20
N GLU A 58 7.55 13.42 -17.19
CA GLU A 58 8.57 14.11 -16.39
C GLU A 58 9.43 13.13 -15.62
N TYR A 59 8.78 12.15 -14.99
CA TYR A 59 9.45 11.27 -14.01
C TYR A 59 9.83 9.89 -14.56
N GLY A 60 9.48 9.63 -15.82
CA GLY A 60 9.99 8.43 -16.52
C GLY A 60 9.36 7.12 -16.11
N PHE A 61 8.07 7.12 -15.78
CA PHE A 61 7.32 5.92 -15.49
C PHE A 61 6.23 5.71 -16.51
N SER A 62 5.72 4.48 -16.54
CA SER A 62 4.53 4.14 -17.28
C SER A 62 3.38 3.89 -16.30
N TYR A 63 2.17 3.79 -16.82
CA TYR A 63 1.03 3.54 -15.95
C TYR A 63 -0.13 2.89 -16.71
N GLU A 64 -1.03 2.30 -15.94
CA GLU A 64 -2.27 1.76 -16.49
C GLU A 64 -3.39 2.05 -15.51
N MSE A 65 -4.52 2.51 -16.03
CA MSE A 65 -5.74 2.67 -15.25
C MSE A 65 -6.64 1.49 -15.55
O MSE A 65 -7.08 1.31 -16.69
CB MSE A 65 -6.46 3.94 -15.64
CG MSE A 65 -5.55 5.16 -15.54
SE MSE A 65 -6.66 6.73 -15.84
CE MSE A 65 -5.35 7.82 -14.90
N VAL A 66 -6.93 0.68 -14.54
CA VAL A 66 -7.75 -0.52 -14.76
C VAL A 66 -9.21 -0.14 -14.53
N THR A 67 -10.08 -0.79 -15.29
CA THR A 67 -11.50 -0.50 -15.29
C THR A 67 -12.35 -1.61 -14.67
N TYR A 68 -11.69 -2.58 -14.04
CA TYR A 68 -12.38 -3.66 -13.31
C TYR A 68 -13.42 -3.12 -12.33
N LYS A 69 -14.65 -3.66 -12.42
CA LYS A 69 -15.75 -3.27 -11.54
C LYS A 69 -16.07 -4.39 -10.56
N TRP A 70 -16.37 -4.01 -9.32
CA TRP A 70 -16.82 -4.94 -8.27
C TRP A 70 -17.90 -5.87 -8.86
N PRO A 71 -17.66 -7.20 -8.84
CA PRO A 71 -18.64 -8.12 -9.47
C PRO A 71 -19.95 -8.23 -8.70
N HIS A 72 -21.03 -8.47 -9.43
CA HIS A 72 -22.39 -8.45 -8.84
C HIS A 72 -22.63 -9.58 -7.86
N TRP A 73 -21.89 -10.67 -8.03
CA TRP A 73 -21.99 -11.84 -7.15
C TRP A 73 -21.23 -11.69 -5.82
N LEU A 74 -20.49 -10.60 -5.65
CA LEU A 74 -19.75 -10.33 -4.41
C LEU A 74 -20.43 -9.18 -3.66
N ARG A 75 -20.71 -9.38 -2.38
CA ARG A 75 -21.45 -8.43 -1.55
C ARG A 75 -20.68 -7.14 -1.58
N GLY A 76 -21.36 -6.04 -1.88
CA GLY A 76 -20.70 -4.73 -1.96
C GLY A 76 -20.44 -4.06 -0.62
N GLN A 77 -19.93 -2.84 -0.71
CA GLN A 77 -19.68 -2.01 0.46
C GLN A 77 -20.25 -0.61 0.17
N ARG A 78 -21.23 -0.20 0.97
CA ARG A 78 -21.84 1.13 0.87
C ARG A 78 -20.84 2.26 1.19
N GLU A 79 -19.94 2.00 2.14
CA GLU A 79 -18.99 3.01 2.60
C GLU A 79 -17.78 2.98 1.69
N LYS A 80 -17.42 4.16 1.19
CA LYS A 80 -16.35 4.33 0.23
C LYS A 80 -15.05 3.76 0.76
N GLN A 81 -14.72 4.04 2.03
CA GLN A 81 -13.47 3.54 2.62
C GLN A 81 -13.39 2.02 2.53
N ARG A 82 -14.51 1.37 2.79
CA ARG A 82 -14.56 -0.09 2.78
C ARG A 82 -14.56 -0.64 1.36
N GLU A 83 -15.18 0.07 0.42
CA GLU A 83 -15.11 -0.31 -1.00
C GLU A 83 -13.64 -0.26 -1.48
N ILE A 84 -12.95 0.81 -1.12
CA ILE A 84 -11.53 0.94 -1.49
C ILE A 84 -10.69 -0.17 -0.85
N TRP A 85 -10.94 -0.47 0.43
CA TRP A 85 -10.27 -1.62 1.06
C TRP A 85 -10.54 -2.92 0.32
N GLY A 86 -11.75 -3.11 -0.18
CA GLY A 86 -12.02 -4.28 -1.01
C GLY A 86 -11.21 -4.32 -2.29
N TYR A 87 -11.08 -3.18 -2.96
CA TYR A 87 -10.23 -3.11 -4.14
C TYR A 87 -8.74 -3.37 -3.84
N LYS A 88 -8.29 -3.09 -2.63
CA LYS A 88 -6.91 -3.43 -2.27
C LYS A 88 -6.65 -4.93 -2.18
N ILE A 89 -7.59 -5.66 -1.59
CA ILE A 89 -7.31 -7.02 -1.15
C ILE A 89 -8.13 -8.12 -1.82
N LEU A 90 -9.32 -7.80 -2.34
CA LEU A 90 -10.23 -8.86 -2.81
C LEU A 90 -10.02 -9.26 -4.24
N PHE A 91 -9.30 -8.45 -5.02
CA PHE A 91 -9.20 -8.60 -6.49
C PHE A 91 -7.78 -8.77 -7.03
N LEU A 92 -6.86 -9.32 -6.23
CA LEU A 92 -5.46 -9.33 -6.65
C LEU A 92 -5.22 -10.25 -7.84
N ASP A 93 -6.06 -11.28 -7.96
CA ASP A 93 -6.03 -12.23 -9.09
C ASP A 93 -6.78 -11.77 -10.33
N VAL A 94 -7.53 -10.67 -10.25
CA VAL A 94 -8.35 -10.24 -11.39
C VAL A 94 -8.10 -8.80 -11.86
N LEU A 95 -7.50 -7.96 -11.04
CA LEU A 95 -7.17 -6.58 -11.48
C LEU A 95 -6.06 -6.56 -12.49
N PHE A 96 -5.17 -7.55 -12.40
CA PHE A 96 -3.93 -7.57 -13.13
C PHE A 96 -3.92 -8.73 -14.12
N PRO A 97 -3.31 -8.51 -15.28
CA PRO A 97 -3.29 -9.52 -16.32
C PRO A 97 -2.35 -10.67 -15.93
N LEU A 98 -2.55 -11.83 -16.56
CA LEU A 98 -1.69 -13.00 -16.32
C LEU A 98 -0.25 -12.78 -16.76
N SER A 99 -0.01 -11.78 -17.61
CA SER A 99 1.33 -11.40 -18.02
C SER A 99 2.14 -10.78 -16.87
N LEU A 100 1.47 -10.36 -15.79
CA LEU A 100 2.17 -9.71 -14.67
C LEU A 100 2.51 -10.75 -13.60
N ASP A 101 3.80 -10.83 -13.26
CA ASP A 101 4.37 -11.79 -12.29
CA ASP A 101 4.17 -11.85 -12.27
C ASP A 101 4.22 -11.33 -10.84
N LYS A 102 4.26 -10.00 -10.64
CA LYS A 102 4.39 -9.45 -9.30
C LYS A 102 3.90 -8.02 -9.27
N VAL A 103 3.25 -7.65 -8.18
CA VAL A 103 2.82 -6.26 -7.98
C VAL A 103 2.98 -5.92 -6.51
N ILE A 104 3.26 -4.64 -6.24
CA ILE A 104 3.46 -4.14 -4.87
C ILE A 104 2.41 -3.09 -4.59
N PHE A 105 1.58 -3.27 -3.57
CA PHE A 105 0.73 -2.19 -3.09
C PHE A 105 1.58 -1.22 -2.26
N VAL A 106 1.52 0.07 -2.59
CA VAL A 106 2.14 1.13 -1.79
C VAL A 106 1.07 2.15 -1.45
N ASP A 107 0.95 2.48 -0.16
CA ASP A 107 -0.05 3.45 0.28
C ASP A 107 0.23 4.81 -0.37
N ALA A 108 -0.82 5.55 -0.68
CA ALA A 108 -0.66 6.85 -1.33
C ALA A 108 0.05 7.85 -0.40
N ASP A 109 -0.05 7.65 0.91
CA ASP A 109 0.62 8.51 1.88
C ASP A 109 2.04 8.10 2.22
N GLN A 110 2.60 7.17 1.47
CA GLN A 110 3.97 6.73 1.76
C GLN A 110 5.03 7.59 1.13
N ILE A 111 6.20 7.59 1.75
CA ILE A 111 7.41 8.15 1.15
C ILE A 111 8.44 7.02 1.10
N VAL A 112 8.89 6.73 -0.12
CA VAL A 112 9.88 5.71 -0.39
C VAL A 112 11.29 6.30 -0.31
N ARG A 113 12.20 5.53 0.33
CA ARG A 113 13.62 5.89 0.49
C ARG A 113 14.53 4.74 0.12
N THR A 114 14.10 3.92 -0.82
CA THR A 114 14.82 2.72 -1.21
C THR A 114 14.51 2.39 -2.65
N ASP A 115 15.34 1.55 -3.25
CA ASP A 115 15.09 1.01 -4.56
C ASP A 115 14.04 -0.08 -4.45
N MSE A 116 12.84 0.17 -4.99
CA MSE A 116 11.79 -0.82 -4.86
C MSE A 116 12.06 -2.13 -5.60
O MSE A 116 11.40 -3.14 -5.33
CB MSE A 116 10.44 -0.25 -5.28
CG MSE A 116 9.98 0.93 -4.40
SE MSE A 116 9.72 0.48 -2.53
CE MSE A 116 8.18 -0.67 -2.81
N TYR A 117 13.03 -2.15 -6.51
CA TYR A 117 13.45 -3.43 -7.10
C TYR A 117 13.99 -4.39 -6.02
N ASP A 118 14.53 -3.88 -4.91
CA ASP A 118 14.92 -4.76 -3.79
C ASP A 118 13.72 -5.58 -3.27
N LEU A 119 12.53 -4.99 -3.28
CA LEU A 119 11.35 -5.70 -2.83
C LEU A 119 10.89 -6.71 -3.85
N VAL A 120 11.01 -6.36 -5.12
CA VAL A 120 10.72 -7.30 -6.19
C VAL A 120 11.59 -8.57 -6.06
N GLN A 121 12.86 -8.37 -5.70
CA GLN A 121 13.83 -9.47 -5.66
C GLN A 121 13.82 -10.26 -4.36
N LEU A 122 13.10 -9.76 -3.35
CA LEU A 122 13.06 -10.39 -2.03
C LEU A 122 12.42 -11.78 -2.10
N ASP A 123 13.06 -12.75 -1.42
CA ASP A 123 12.58 -14.13 -1.40
C ASP A 123 11.37 -14.25 -0.48
N LEU A 124 10.21 -14.60 -1.05
CA LEU A 124 8.97 -14.74 -0.29
C LEU A 124 8.75 -16.15 0.29
N GLU A 125 9.71 -17.04 0.07
CA GLU A 125 9.72 -18.34 0.75
C GLU A 125 8.44 -19.15 0.50
N GLY A 126 7.89 -19.00 -0.71
CA GLY A 126 6.65 -19.69 -1.10
C GLY A 126 5.34 -19.03 -0.74
N ALA A 127 5.40 -17.92 -0.01
CA ALA A 127 4.22 -17.19 0.35
C ALA A 127 3.67 -16.45 -0.86
N PRO A 128 2.34 -16.35 -0.94
CA PRO A 128 1.79 -15.59 -2.06
C PRO A 128 1.98 -14.06 -1.89
N TYR A 129 2.18 -13.59 -0.66
CA TYR A 129 2.46 -12.19 -0.45
C TYR A 129 3.26 -11.95 0.80
N GLY A 130 3.87 -10.75 0.86
CA GLY A 130 4.70 -10.34 1.97
C GLY A 130 4.25 -8.99 2.47
N PHE A 131 4.20 -8.87 3.79
CA PHE A 131 3.78 -7.66 4.51
C PHE A 131 4.77 -7.41 5.64
N THR A 132 4.88 -6.18 6.11
CA THR A 132 5.74 -5.87 7.25
C THR A 132 4.96 -6.03 8.56
N PRO A 133 5.59 -6.68 9.58
CA PRO A 133 4.94 -6.70 10.89
C PRO A 133 4.74 -5.31 11.48
N MSE A 134 3.67 -5.12 12.23
CA MSE A 134 3.56 -3.95 13.07
C MSE A 134 4.75 -3.85 14.00
O MSE A 134 5.14 -4.84 14.62
CB MSE A 134 2.33 -4.06 13.96
CG MSE A 134 1.05 -3.73 13.20
SE MSE A 134 0.90 -1.78 13.02
CE MSE A 134 -0.95 -1.79 12.42
N CYS A 135 5.32 -2.65 14.14
CA CYS A 135 6.41 -2.44 15.08
C CYS A 135 5.98 -2.66 16.52
N ASP A 136 6.82 -3.40 17.25
CA ASP A 136 6.79 -3.43 18.72
C ASP A 136 7.63 -2.36 19.40
N SER A 137 8.49 -1.69 18.63
CA SER A 137 9.57 -0.94 19.25
C SER A 137 9.18 0.27 20.08
N ARG A 138 8.11 0.98 19.75
CA ARG A 138 7.68 2.10 20.56
C ARG A 138 6.84 1.55 21.69
N LYS A 139 7.49 1.27 22.82
CA LYS A 139 6.86 0.52 23.91
C LYS A 139 5.72 1.28 24.59
N GLU A 140 5.81 2.61 24.58
CA GLU A 140 4.82 3.48 25.21
C GLU A 140 3.45 3.42 24.54
N MSE A 141 3.38 2.86 23.33
CA MSE A 141 2.10 2.63 22.65
C MSE A 141 1.50 1.25 22.84
O MSE A 141 0.56 0.89 22.14
CB MSE A 141 2.30 2.95 21.16
CG MSE A 141 2.69 4.43 21.00
SE MSE A 141 1.19 5.60 21.48
CE MSE A 141 0.02 5.07 20.05
N GLU A 142 1.99 0.49 23.82
CA GLU A 142 1.54 -0.90 23.94
C GLU A 142 0.05 -1.06 24.16
N GLY A 143 -0.56 -0.13 24.89
CA GLY A 143 -2.00 -0.16 25.12
C GLY A 143 -2.84 -0.10 23.87
N PHE A 144 -2.29 0.47 22.80
CA PHE A 144 -2.99 0.57 21.53
C PHE A 144 -2.73 -0.62 20.59
N ARG A 145 -1.80 -1.51 20.95
CA ARG A 145 -1.49 -2.69 20.14
C ARG A 145 -2.54 -3.78 20.36
N PHE A 146 -3.69 -3.60 19.70
CA PHE A 146 -4.87 -4.46 19.91
C PHE A 146 -4.58 -5.92 19.53
N TRP A 147 -3.68 -6.11 18.59
CA TRP A 147 -3.29 -7.42 18.07
C TRP A 147 -2.45 -8.28 19.04
N LYS A 148 -2.06 -7.73 20.20
CA LYS A 148 -1.26 -8.45 21.19
C LYS A 148 -2.09 -8.98 22.36
N GLN A 149 -3.41 -8.84 22.28
CA GLN A 149 -4.29 -9.36 23.32
C GLN A 149 -5.50 -10.02 22.70
N GLY A 150 -6.23 -10.76 23.52
CA GLY A 150 -7.56 -11.23 23.15
C GLY A 150 -7.59 -12.11 21.93
N TYR A 151 -8.56 -11.82 21.05
CA TYR A 151 -8.81 -12.61 19.85
C TYR A 151 -7.55 -12.78 19.02
N TRP A 152 -6.84 -11.68 18.77
CA TRP A 152 -5.67 -11.74 17.88
C TRP A 152 -4.52 -12.56 18.48
N LYS A 153 -4.24 -12.41 19.77
CA LYS A 153 -3.14 -13.16 20.39
C LYS A 153 -3.38 -14.67 20.26
N SER A 154 -4.58 -15.12 20.62
CA SER A 154 -4.89 -16.53 20.52
C SER A 154 -4.93 -17.00 19.05
N HIS A 155 -5.56 -16.20 18.16
CA HIS A 155 -5.75 -16.62 16.76
C HIS A 155 -4.44 -16.70 15.98
N LEU A 156 -3.57 -15.71 16.18
CA LEU A 156 -2.32 -15.67 15.43
C LEU A 156 -1.38 -16.84 15.73
N ARG A 157 -1.49 -17.43 16.92
CA ARG A 157 -0.62 -18.53 17.38
C ARG A 157 0.86 -18.26 17.03
N GLY A 158 1.30 -17.04 17.36
CA GLY A 158 2.68 -16.63 17.22
C GLY A 158 3.09 -15.98 15.91
N ARG A 159 2.19 -15.98 14.91
CA ARG A 159 2.47 -15.21 13.70
C ARG A 159 2.34 -13.71 13.97
N PRO A 160 3.12 -12.88 13.27
CA PRO A 160 2.95 -11.44 13.45
C PRO A 160 1.61 -10.92 12.92
N TYR A 161 1.19 -9.79 13.45
CA TYR A 161 0.15 -8.99 12.85
C TYR A 161 0.85 -7.89 12.03
N HIS A 162 0.50 -7.84 10.74
CA HIS A 162 1.17 -7.00 9.76
C HIS A 162 0.35 -5.78 9.37
N ILE A 163 1.06 -4.68 9.10
CA ILE A 163 0.42 -3.46 8.60
C ILE A 163 0.17 -3.58 7.09
N SER A 164 -0.99 -3.09 6.63
CA SER A 164 -1.38 -3.27 5.23
C SER A 164 -1.02 -2.10 4.31
N ALA A 165 -0.14 -1.21 4.77
CA ALA A 165 0.25 -0.06 3.97
C ALA A 165 1.13 -0.44 2.78
N LEU A 166 1.86 -1.55 2.91
CA LEU A 166 2.82 -1.99 1.90
C LEU A 166 2.73 -3.50 1.81
N TYR A 167 2.58 -4.03 0.62
CA TYR A 167 2.69 -5.49 0.45
C TYR A 167 3.11 -5.88 -0.94
N VAL A 168 3.92 -6.91 -1.03
CA VAL A 168 4.36 -7.45 -2.32
C VAL A 168 3.61 -8.74 -2.57
N VAL A 169 3.06 -8.86 -3.78
CA VAL A 169 2.26 -10.01 -4.17
C VAL A 169 2.98 -10.75 -5.30
N ASP A 170 3.33 -11.99 -5.02
CA ASP A 170 3.80 -12.94 -6.05
C ASP A 170 2.54 -13.46 -6.75
N LEU A 171 2.20 -12.85 -7.88
CA LEU A 171 0.95 -13.18 -8.53
C LEU A 171 0.91 -14.59 -9.09
N ASN A 172 2.06 -15.15 -9.45
CA ASN A 172 2.09 -16.57 -9.83
C ASN A 172 1.67 -17.51 -8.68
N ARG A 173 2.26 -17.30 -7.51
CA ARG A 173 1.90 -18.09 -6.34
C ARG A 173 0.46 -17.82 -5.86
N PHE A 174 0.06 -16.55 -5.89
CA PHE A 174 -1.25 -16.14 -5.45
C PHE A 174 -2.32 -16.85 -6.31
N ARG A 175 -2.12 -16.83 -7.61
CA ARG A 175 -3.01 -17.53 -8.55
CA ARG A 175 -3.01 -17.54 -8.54
C ARG A 175 -3.00 -19.05 -8.31
N ALA A 176 -1.82 -19.63 -8.16
CA ALA A 176 -1.69 -21.09 -7.95
C ALA A 176 -2.42 -21.59 -6.69
N LEU A 177 -2.41 -20.78 -5.65
CA LEU A 177 -3.09 -21.11 -4.38
C LEU A 177 -4.57 -20.78 -4.37
N ALA A 178 -5.09 -20.22 -5.46
CA ALA A 178 -6.45 -19.69 -5.52
C ALA A 178 -6.74 -18.80 -4.33
N ALA A 179 -5.76 -17.97 -3.98
CA ALA A 179 -5.87 -17.09 -2.82
C ALA A 179 -6.99 -16.05 -2.97
N GLY A 180 -7.24 -15.60 -4.20
CA GLY A 180 -8.30 -14.65 -4.44
C GLY A 180 -9.65 -15.25 -4.12
N ASP A 181 -9.90 -16.47 -4.61
CA ASP A 181 -11.11 -17.21 -4.23
C ASP A 181 -11.24 -17.42 -2.72
N ARG A 182 -10.12 -17.79 -2.10
CA ARG A 182 -10.08 -18.01 -0.65
C ARG A 182 -10.37 -16.72 0.11
N LEU A 183 -9.74 -15.60 -0.28
CA LEU A 183 -10.03 -14.33 0.37
C LEU A 183 -11.48 -13.88 0.19
N ARG A 184 -11.98 -13.96 -1.03
CA ARG A 184 -13.36 -13.60 -1.31
C ARG A 184 -14.34 -14.53 -0.55
N GLY A 185 -14.02 -15.82 -0.47
CA GLY A 185 -14.80 -16.77 0.33
C GLY A 185 -14.89 -16.42 1.81
N GLN A 186 -13.76 -16.06 2.40
CA GLN A 186 -13.74 -15.60 3.80
C GLN A 186 -14.48 -14.28 3.96
N TYR A 187 -14.23 -13.33 3.05
CA TYR A 187 -14.98 -12.07 3.02
C TYR A 187 -16.49 -12.30 3.02
N HIS A 188 -16.98 -13.20 2.17
CA HIS A 188 -18.43 -13.44 2.16
C HIS A 188 -18.94 -13.94 3.50
N THR A 189 -18.19 -14.86 4.11
CA THR A 189 -18.57 -15.46 5.39
C THR A 189 -18.58 -14.37 6.46
N LEU A 190 -17.46 -13.67 6.58
CA LEU A 190 -17.29 -12.59 7.57
C LEU A 190 -18.16 -11.34 7.31
N SER A 191 -18.46 -11.05 6.04
CA SER A 191 -19.30 -9.89 5.65
C SER A 191 -20.74 -9.97 6.13
N ALA A 192 -21.20 -11.19 6.44
CA ALA A 192 -22.49 -11.40 7.09
C ALA A 192 -22.44 -10.94 8.54
N ALA A 198 -13.19 -5.36 10.56
CA ALA A 198 -13.23 -3.95 10.93
C ALA A 198 -12.29 -3.10 10.05
N ASN A 199 -11.05 -3.55 9.90
CA ASN A 199 -10.11 -2.92 8.96
C ASN A 199 -9.89 -3.93 7.87
N LEU A 200 -10.83 -3.97 6.92
CA LEU A 200 -10.96 -5.06 5.94
C LEU A 200 -9.65 -5.43 5.29
N ASP A 201 -8.93 -4.43 4.81
CA ASP A 201 -7.70 -4.65 4.06
C ASP A 201 -6.58 -5.28 4.88
N GLN A 202 -6.57 -5.02 6.18
CA GLN A 202 -5.53 -5.47 7.08
C GLN A 202 -5.95 -6.72 7.87
N ASP A 203 -7.19 -6.71 8.38
CA ASP A 203 -7.68 -7.84 9.18
C ASP A 203 -7.79 -9.12 8.37
N LEU A 204 -8.25 -9.02 7.13
CA LEU A 204 -8.48 -10.22 6.33
C LEU A 204 -7.21 -11.02 6.06
N PRO A 205 -6.15 -10.39 5.48
CA PRO A 205 -4.94 -11.18 5.27
C PRO A 205 -4.31 -11.68 6.57
N ASN A 206 -4.34 -10.85 7.62
CA ASN A 206 -3.77 -11.27 8.90
C ASN A 206 -4.53 -12.45 9.51
N ASN A 207 -5.84 -12.51 9.26
CA ASN A 207 -6.68 -13.57 9.78
C ASN A 207 -6.54 -14.89 9.08
N MSE A 208 -6.03 -14.89 7.85
CA MSE A 208 -5.99 -16.08 7.01
CA MSE A 208 -6.01 -16.08 6.99
C MSE A 208 -4.61 -16.64 6.81
O MSE A 208 -4.37 -17.40 5.87
CB MSE A 208 -6.57 -15.69 5.67
CB MSE A 208 -6.62 -15.72 5.62
CG MSE A 208 -8.04 -15.44 5.83
CG MSE A 208 -8.13 -15.45 5.67
SE MSE A 208 -8.65 -15.45 3.99
SE MSE A 208 -9.18 -17.12 5.62
CE MSE A 208 -9.07 -17.38 3.87
CE MSE A 208 -8.78 -17.63 3.76
N GLN A 209 -3.67 -16.30 7.70
CA GLN A 209 -2.27 -16.69 7.47
C GLN A 209 -2.02 -18.21 7.45
N ALA A 210 -2.81 -18.97 8.20
CA ALA A 210 -2.70 -20.43 8.16
C ALA A 210 -3.03 -21.02 6.79
N MSE A 211 -3.94 -20.37 6.05
CA MSE A 211 -4.37 -20.85 4.72
C MSE A 211 -3.67 -20.15 3.59
O MSE A 211 -3.35 -20.76 2.58
CB MSE A 211 -5.88 -20.65 4.54
CG MSE A 211 -6.66 -20.74 5.85
SE MSE A 211 -8.51 -21.25 5.45
CE MSE A 211 -8.19 -23.17 5.77
N ILE A 212 -3.40 -18.85 3.76
CA ILE A 212 -2.75 -18.02 2.73
C ILE A 212 -1.59 -17.32 3.44
N PRO A 213 -0.39 -17.92 3.40
CA PRO A 213 0.66 -17.40 4.30
C PRO A 213 1.20 -16.04 3.89
N ILE A 214 1.64 -15.30 4.92
CA ILE A 214 2.33 -14.03 4.73
C ILE A 214 3.80 -14.26 5.04
N LYS A 215 4.68 -13.88 4.13
CA LYS A 215 6.11 -13.74 4.44
C LYS A 215 6.29 -12.40 5.15
N SER A 216 6.84 -12.41 6.37
CA SER A 216 7.04 -11.19 7.14
C SER A 216 8.29 -10.50 6.62
N LEU A 217 8.12 -9.32 6.03
CA LEU A 217 9.24 -8.53 5.52
C LEU A 217 10.08 -8.06 6.68
N PRO A 218 11.40 -7.88 6.45
CA PRO A 218 12.23 -7.26 7.45
C PRO A 218 11.65 -5.93 7.91
N GLN A 219 11.77 -5.65 9.20
CA GLN A 219 11.11 -4.52 9.85
C GLN A 219 11.40 -3.17 9.15
N GLU A 220 12.60 -3.02 8.60
CA GLU A 220 12.98 -1.78 7.93
C GLU A 220 12.11 -1.44 6.72
N TRP A 221 11.33 -2.41 6.21
CA TRP A 221 10.48 -2.12 5.03
C TRP A 221 9.38 -1.10 5.25
N LEU A 222 8.92 -0.88 6.48
CA LEU A 222 7.81 0.03 6.73
C LEU A 222 7.94 0.58 8.15
N TRP A 223 8.21 1.86 8.24
CA TRP A 223 8.27 2.58 9.50
C TRP A 223 7.09 3.53 9.56
N CYS A 224 6.35 3.47 10.68
CA CYS A 224 5.37 4.50 11.02
C CYS A 224 5.67 4.98 12.43
N GLU A 225 5.69 6.30 12.64
CA GLU A 225 6.08 6.85 13.94
C GLU A 225 5.16 6.41 15.08
N THR A 226 3.90 6.13 14.77
CA THR A 226 2.94 5.68 15.77
C THR A 226 3.44 4.47 16.55
N TRP A 227 4.04 3.52 15.84
CA TRP A 227 4.35 2.21 16.39
C TRP A 227 5.85 1.98 16.53
N CYS A 228 6.65 2.80 15.86
CA CYS A 228 8.06 2.47 15.65
C CYS A 228 8.92 3.57 16.29
N ALA A 229 9.99 3.14 16.92
CA ALA A 229 10.91 4.03 17.64
C ALA A 229 11.64 5.02 16.73
N ASP A 230 11.91 6.20 17.29
CA ASP A 230 12.66 7.26 16.59
C ASP A 230 13.94 6.77 15.98
N GLU A 231 14.66 5.92 16.70
CA GLU A 231 15.97 5.43 16.29
C GLU A 231 15.94 4.61 15.00
N ASP A 232 14.80 4.02 14.68
CA ASP A 232 14.66 3.21 13.47
C ASP A 232 14.26 4.00 12.22
N LEU A 233 13.97 5.29 12.34
CA LEU A 233 13.69 6.12 11.15
C LEU A 233 14.88 6.15 10.19
N LYS A 234 16.08 6.30 10.71
CA LYS A 234 17.26 6.45 9.82
C LYS A 234 17.55 5.24 8.94
N THR A 235 17.06 4.05 9.33
CA THR A 235 17.25 2.83 8.53
C THR A 235 15.97 2.44 7.77
N ALA A 236 14.90 3.20 7.91
CA ALA A 236 13.61 2.84 7.26
C ALA A 236 13.73 2.95 5.74
N ARG A 237 13.27 1.92 5.05
CA ARG A 237 13.24 1.91 3.59
C ARG A 237 12.04 2.66 3.03
N THR A 238 10.91 2.61 3.75
CA THR A 238 9.73 3.38 3.38
C THR A 238 9.07 3.86 4.67
N ILE A 239 8.35 4.97 4.54
CA ILE A 239 7.64 5.62 5.65
C ILE A 239 6.16 5.60 5.32
N ASP A 240 5.34 5.19 6.28
CA ASP A 240 3.87 5.31 6.22
C ASP A 240 3.48 6.39 7.22
N LEU A 241 2.60 7.28 6.82
CA LEU A 241 2.10 8.34 7.72
C LEU A 241 0.89 7.86 8.51
N CYS A 242 1.02 6.74 9.21
CA CYS A 242 -0.15 6.13 9.83
C CYS A 242 -0.62 6.95 11.04
N ASN A 243 -1.91 6.92 11.28
CA ASN A 243 -2.51 7.82 12.26
C ASN A 243 -2.08 7.41 13.66
N ASN A 244 -2.02 8.39 14.56
CA ASN A 244 -1.58 8.14 15.91
C ASN A 244 -2.81 8.30 16.81
N PRO A 245 -3.28 7.19 17.40
CA PRO A 245 -4.50 7.29 18.22
C PRO A 245 -4.33 8.05 19.54
N LEU A 246 -3.08 8.29 19.97
CA LEU A 246 -2.81 9.03 21.19
C LEU A 246 -2.78 10.52 20.90
N THR A 247 -1.91 10.91 19.97
CA THR A 247 -1.68 12.34 19.70
C THR A 247 -2.73 12.95 18.78
N LYS A 248 -3.33 12.15 17.90
CA LYS A 248 -4.17 12.64 16.81
C LYS A 248 -3.51 13.77 15.98
N GLU A 249 -2.17 13.73 15.88
CA GLU A 249 -1.44 14.77 15.15
C GLU A 249 -1.93 14.75 13.70
N PRO A 250 -2.23 15.93 13.12
CA PRO A 250 -2.72 15.97 11.72
C PRO A 250 -1.72 15.39 10.68
N LYS A 251 -2.27 14.92 9.55
CA LYS A 251 -1.53 14.12 8.53
C LYS A 251 -0.36 14.90 7.94
N LEU A 252 -0.63 16.14 7.59
CA LEU A 252 0.40 16.98 6.97
C LEU A 252 1.45 17.44 7.93
N ASP A 253 1.04 17.67 9.18
CA ASP A 253 1.99 18.02 10.21
C ASP A 253 2.95 16.87 10.40
N ARG A 254 2.43 15.62 10.42
CA ARG A 254 3.28 14.44 10.50
C ARG A 254 4.20 14.42 9.28
N ALA A 255 3.64 14.64 8.08
CA ALA A 255 4.43 14.59 6.84
C ALA A 255 5.59 15.58 6.88
N ARG A 256 5.25 16.86 7.13
CA ARG A 256 6.26 17.93 7.12
C ARG A 256 7.24 17.84 8.31
N ARG A 257 6.77 17.35 9.47
CA ARG A 257 7.62 17.14 10.65
C ARG A 257 8.59 15.97 10.45
N GLN A 258 8.05 14.84 9.99
CA GLN A 258 8.82 13.59 9.97
C GLN A 258 9.74 13.46 8.77
N VAL A 259 9.35 14.04 7.63
CA VAL A 259 9.97 13.73 6.36
C VAL A 259 10.45 15.02 5.68
N PRO A 260 11.76 15.32 5.81
CA PRO A 260 12.22 16.60 5.29
C PRO A 260 12.03 16.76 3.80
N GLU A 261 12.12 15.66 3.04
CA GLU A 261 11.99 15.72 1.59
C GLU A 261 10.54 15.82 1.07
N TRP A 262 9.57 15.67 1.96
CA TRP A 262 8.16 15.78 1.56
C TRP A 262 7.86 17.10 0.87
N THR A 263 8.28 18.19 1.51
CA THR A 263 8.08 19.53 0.96
C THR A 263 8.82 19.72 -0.37
N GLU A 264 10.05 19.21 -0.44
CA GLU A 264 10.82 19.26 -1.68
C GLU A 264 10.05 18.61 -2.84
N TYR A 265 9.53 17.41 -2.63
CA TYR A 265 8.80 16.71 -3.69
C TYR A 265 7.49 17.41 -4.03
N ASP A 266 6.78 17.81 -2.99
CA ASP A 266 5.51 18.53 -3.19
C ASP A 266 5.73 19.79 -4.07
N ASN A 267 6.79 20.54 -3.74
CA ASN A 267 7.09 21.76 -4.48
C ASN A 267 7.45 21.47 -5.93
N GLU A 268 8.25 20.43 -6.13
CA GLU A 268 8.66 20.02 -7.46
C GLU A 268 7.48 19.66 -8.37
N ILE A 269 6.53 18.91 -7.79
CA ILE A 269 5.33 18.55 -8.53
C ILE A 269 4.46 19.79 -8.84
N ALA A 270 4.31 20.65 -7.84
CA ALA A 270 3.53 21.90 -8.02
C ALA A 270 4.10 22.76 -9.14
N GLU A 271 5.44 22.84 -9.20
CA GLU A 271 6.10 23.62 -10.26
C GLU A 271 5.84 23.00 -11.62
N LEU A 272 5.86 21.67 -11.70
CA LEU A 272 5.49 21.01 -12.93
C LEU A 272 4.06 21.35 -13.35
N ALA A 273 3.14 21.31 -12.39
CA ALA A 273 1.76 21.66 -12.72
C ALA A 273 1.63 23.08 -13.25
N VAL A 274 2.36 24.03 -12.66
CA VAL A 274 2.37 25.43 -13.10
C VAL A 274 2.83 25.51 -14.56
N ARG A 275 3.87 24.76 -14.91
CA ARG A 275 4.38 24.79 -16.28
C ARG A 275 3.44 24.14 -17.27
N VAL A 276 2.81 23.04 -16.87
CA VAL A 276 1.82 22.37 -17.71
C VAL A 276 0.65 23.33 -18.00
N ARG A 277 0.18 24.01 -16.96
CA ARG A 277 -0.94 24.96 -17.10
C ARG A 277 -0.53 26.21 -17.90
N ALA A 278 0.70 26.71 -17.70
CA ALA A 278 1.18 27.85 -18.48
C ALA A 278 1.18 27.55 -19.97
N ALA A 279 1.60 26.34 -20.34
CA ALA A 279 1.51 25.87 -21.74
C ALA A 279 0.13 25.31 -22.10
N1 UPG B . -8.09 7.03 3.04
C2 UPG B . -8.35 7.62 1.79
N3 UPG B . -8.53 8.95 1.74
C4 UPG B . -8.44 9.74 2.81
C5 UPG B . -8.21 9.19 4.07
C6 UPG B . -8.03 7.81 4.14
O2 UPG B . -8.42 6.93 0.76
O4 UPG B . -8.59 10.96 2.64
C1C UPG B . -7.95 5.57 3.12
C2C UPG B . -6.51 5.12 3.38
O2C UPG B . -5.74 4.97 2.22
C3C UPG B . -6.72 3.85 4.14
C4C UPG B . -7.90 4.19 5.04
O4C UPG B . -8.66 5.15 4.28
O3C UPG B . -7.06 2.78 3.22
C5C UPG B . -7.50 4.79 6.40
O5C UPG B . -6.39 5.67 6.19
PA UPG B . -5.88 6.77 7.24
O1A UPG B . -4.94 7.80 6.63
O2A UPG B . -7.06 7.34 7.90
O3A UPG B . -4.99 6.03 8.26
PB UPG B . -3.58 5.42 8.10
O1B UPG B . -3.31 5.45 9.55
O2B UPG B . -2.53 5.99 7.18
O3B UPG B . -3.95 3.90 7.70
C1' UPG B . -3.28 2.74 8.22
C2' UPG B . -2.39 2.19 7.11
C3' UPG B . -3.25 1.83 5.91
C4' UPG B . -4.34 0.84 6.30
C5' UPG B . -5.10 1.31 7.52
C6' UPG B . -6.02 0.18 8.04
O2' UPG B . -1.38 3.15 6.75
O3' UPG B . -2.49 1.23 4.87
O4' UPG B . -5.26 0.76 5.21
O5' UPG B . -4.24 1.74 8.58
O6' UPG B . -6.88 0.72 9.07
CA CA C . -1.17 5.10 5.35
C1 GOL D . 7.03 -15.83 7.91
O1 GOL D . 7.91 -14.76 7.63
C2 GOL D . 6.53 -15.81 9.33
O2 GOL D . 6.23 -14.59 9.97
C3 GOL D . 5.32 -16.72 9.46
O3 GOL D . 5.91 -17.67 10.32
#